data_6TOL
#
_entry.id   6TOL
#
_cell.length_a   67.143
_cell.length_b   67.143
_cell.length_c   167.452
_cell.angle_alpha   90.000
_cell.angle_beta   90.000
_cell.angle_gamma   120.000
#
_symmetry.space_group_name_H-M   'P 61 2 2'
#
loop_
_entity.id
_entity.type
_entity.pdbx_description
1 polymer 'B-cell lymphoma 6 protein'
2 non-polymer 5-[[5-chloranyl-2-[(2~{S},6~{R})-2,6-dimethylmorpholin-4-yl]pyrimidin-4-yl]amino]-1-methyl-3-(3-methyl-3-oxidanyl-butyl)benzimidazol-2-one
3 non-polymer 1,2-ETHANEDIOL
4 non-polymer 'DIMETHYL SULFOXIDE'
5 water water
#
_entity_poly.entity_id   1
_entity_poly.type   'polypeptide(L)'
_entity_poly.pdbx_seq_one_letter_code
;GPGLDYKDDDDKENLYFQGADSCIQFTRHASDVLLNLNRLRSRDILTDVVIVVSREQFRAHKTVLMACSGLFYSIFTDQL
KCNLSVINLDPEINPEGFCILLDFMYTSRLNLREGNIMAVMATAMYLQMEHVVDTCRKFIKASE
;
_entity_poly.pdbx_strand_id   A
#
loop_
_chem_comp.id
_chem_comp.type
_chem_comp.name
_chem_comp.formula
DMS non-polymer 'DIMETHYL SULFOXIDE' 'C2 H6 O S'
EDO non-polymer 1,2-ETHANEDIOL 'C2 H6 O2'
NQW non-polymer 5-[[5-chloranyl-2-[(2~{S},6~{R})-2,6-dimethylmorpholin-4-yl]pyrimidin-4-yl]amino]-1-methyl-3-(3-methyl-3-oxidanyl-butyl)benzimidazol-2-one 'C23 H31 Cl N6 O3'
#
# COMPACT_ATOMS: atom_id res chain seq x y z
C ASN A 14 -18.70 -18.34 5.59
N LEU A 15 -18.75 -19.18 4.55
CA LEU A 15 -17.93 -18.94 3.35
C LEU A 15 -18.66 -17.96 2.42
N TYR A 16 -20.00 -18.09 2.32
CA TYR A 16 -20.75 -17.21 1.43
C TYR A 16 -22.11 -16.83 2.02
N PHE A 17 -22.74 -15.81 1.43
CA PHE A 17 -24.05 -15.34 1.86
C PHE A 17 -24.82 -14.73 0.70
N GLN A 18 -26.12 -14.47 0.88
N GLN A 18 -26.13 -14.47 0.89
CA GLN A 18 -26.95 -13.83 -0.14
CA GLN A 18 -26.92 -13.81 -0.14
C GLN A 18 -26.65 -12.32 -0.06
C GLN A 18 -26.61 -12.32 -0.04
N GLY A 19 -26.07 -11.76 -1.11
CA GLY A 19 -25.75 -10.36 -1.13
C GLY A 19 -27.01 -9.54 -1.22
N ALA A 20 -26.89 -8.22 -1.08
CA ALA A 20 -28.06 -7.33 -1.18
C ALA A 20 -28.62 -7.42 -2.61
N ASP A 21 -27.76 -7.79 -3.57
CA ASP A 21 -28.12 -7.96 -5.00
C ASP A 21 -28.53 -9.42 -5.26
N SER A 22 -28.65 -9.85 -6.51
CA SER A 22 -29.01 -11.28 -6.72
C SER A 22 -27.90 -12.23 -6.23
N CYS A 23 -26.64 -11.80 -6.40
CA CYS A 23 -25.43 -12.64 -6.24
C CYS A 23 -25.14 -13.25 -4.87
N ILE A 24 -24.48 -14.41 -4.94
CA ILE A 24 -23.88 -15.12 -3.79
C ILE A 24 -22.57 -14.35 -3.57
N GLN A 25 -22.29 -13.94 -2.35
CA GLN A 25 -21.09 -13.15 -2.08
C GLN A 25 -20.21 -13.95 -1.14
N PHE A 26 -18.89 -13.95 -1.39
CA PHE A 26 -17.95 -14.71 -0.58
C PHE A 26 -17.30 -13.77 0.41
N THR A 27 -17.55 -14.05 1.68
CA THR A 27 -17.14 -13.19 2.79
C THR A 27 -15.65 -12.85 2.82
N ARG A 28 -14.81 -13.88 2.69
CA ARG A 28 -13.36 -13.69 2.84
C ARG A 28 -12.60 -13.60 1.53
N HIS A 29 -13.32 -13.56 0.39
CA HIS A 29 -12.64 -13.56 -0.90
C HIS A 29 -11.62 -12.44 -1.06
N ALA A 30 -12.03 -11.17 -0.79
CA ALA A 30 -11.08 -10.06 -0.99
C ALA A 30 -9.83 -10.23 -0.12
N SER A 31 -9.99 -10.61 1.16
N SER A 31 -10.01 -10.64 1.15
CA SER A 31 -8.80 -10.80 2.02
CA SER A 31 -8.93 -10.88 2.12
C SER A 31 -7.96 -12.00 1.54
C SER A 31 -8.03 -12.06 1.70
N ASP A 32 -8.63 -13.07 1.05
CA ASP A 32 -7.90 -14.25 0.54
C ASP A 32 -7.07 -13.84 -0.69
N VAL A 33 -7.64 -13.00 -1.57
CA VAL A 33 -6.90 -12.49 -2.75
C VAL A 33 -5.70 -11.68 -2.27
N LEU A 34 -5.92 -10.74 -1.34
CA LEU A 34 -4.83 -9.91 -0.84
C LEU A 34 -3.71 -10.74 -0.21
N LEU A 35 -4.08 -11.80 0.52
CA LEU A 35 -3.08 -12.69 1.14
C LEU A 35 -2.25 -13.34 0.04
N ASN A 36 -2.91 -13.79 -1.04
CA ASN A 36 -2.18 -14.41 -2.14
C ASN A 36 -1.29 -13.41 -2.85
N LEU A 37 -1.76 -12.16 -2.99
CA LEU A 37 -0.90 -11.13 -3.63
C LEU A 37 0.34 -10.87 -2.74
N ASN A 38 0.15 -10.90 -1.40
CA ASN A 38 1.30 -10.70 -0.49
C ASN A 38 2.27 -11.89 -0.59
N ARG A 39 1.73 -13.11 -0.77
CA ARG A 39 2.56 -14.32 -0.95
C ARG A 39 3.40 -14.15 -2.23
N LEU A 40 2.80 -13.65 -3.32
CA LEU A 40 3.56 -13.43 -4.55
C LEU A 40 4.63 -12.38 -4.28
N ARG A 41 4.29 -11.29 -3.56
CA ARG A 41 5.30 -10.28 -3.27
C ARG A 41 6.50 -10.87 -2.48
N SER A 42 6.21 -11.68 -1.44
N SER A 42 6.20 -11.70 -1.45
CA SER A 42 7.25 -12.30 -0.63
CA SER A 42 7.21 -12.34 -0.60
C SER A 42 8.23 -13.11 -1.48
C SER A 42 8.18 -13.25 -1.37
N ARG A 43 7.69 -13.83 -2.47
CA ARG A 43 8.45 -14.70 -3.37
C ARG A 43 8.99 -13.97 -4.60
N ASP A 44 8.72 -12.65 -4.70
CA ASP A 44 9.12 -11.80 -5.80
C ASP A 44 8.55 -12.31 -7.14
N ILE A 45 7.31 -12.81 -7.11
CA ILE A 45 6.66 -13.35 -8.30
C ILE A 45 5.81 -12.29 -8.95
N LEU A 46 6.09 -12.02 -10.24
N LEU A 46 5.99 -12.06 -10.27
CA LEU A 46 5.38 -11.08 -11.11
CA LEU A 46 5.23 -11.08 -11.07
C LEU A 46 5.41 -9.64 -10.60
C LEU A 46 5.38 -9.63 -10.61
N THR A 47 6.34 -9.33 -9.70
CA THR A 47 6.60 -7.96 -9.25
C THR A 47 7.13 -7.25 -10.51
N ASP A 48 6.67 -6.02 -10.72
CA ASP A 48 6.97 -5.31 -11.96
C ASP A 48 7.51 -3.91 -11.72
N VAL A 49 7.86 -3.59 -10.47
CA VAL A 49 8.44 -2.28 -10.17
C VAL A 49 9.29 -2.37 -8.94
N VAL A 50 10.30 -1.50 -8.87
N VAL A 50 10.33 -1.55 -8.87
CA VAL A 50 11.19 -1.31 -7.72
CA VAL A 50 11.12 -1.40 -7.67
C VAL A 50 10.94 0.11 -7.25
C VAL A 50 10.97 0.07 -7.24
N ILE A 51 10.60 0.28 -5.98
CA ILE A 51 10.42 1.59 -5.37
C ILE A 51 11.71 1.86 -4.61
N VAL A 52 12.38 2.95 -4.93
CA VAL A 52 13.63 3.30 -4.28
C VAL A 52 13.42 4.43 -3.30
N VAL A 53 13.76 4.19 -2.04
CA VAL A 53 13.64 5.19 -0.99
C VAL A 53 15.02 5.27 -0.35
N SER A 54 15.71 6.37 -0.62
CA SER A 54 17.07 6.58 -0.14
C SER A 54 17.89 5.38 -0.58
N ARG A 55 18.58 4.77 0.34
CA ARG A 55 19.34 3.59 -0.01
C ARG A 55 18.46 2.37 -0.39
N GLU A 56 17.35 2.21 0.33
CA GLU A 56 16.46 1.06 0.20
C GLU A 56 15.63 0.84 -1.07
N GLN A 57 15.47 -0.43 -1.42
CA GLN A 57 14.70 -0.85 -2.58
C GLN A 57 13.57 -1.77 -2.13
N PHE A 58 12.39 -1.58 -2.71
CA PHE A 58 11.21 -2.38 -2.37
C PHE A 58 10.55 -2.83 -3.65
N ARG A 59 10.44 -4.15 -3.85
CA ARG A 59 9.80 -4.69 -5.04
C ARG A 59 8.31 -4.84 -4.78
N ALA A 60 7.50 -4.51 -5.77
CA ALA A 60 6.04 -4.59 -5.59
C ALA A 60 5.31 -4.80 -6.93
N HIS A 61 3.98 -4.86 -6.86
CA HIS A 61 3.12 -4.97 -8.04
C HIS A 61 2.50 -3.59 -8.23
N LYS A 62 2.69 -2.97 -9.41
CA LYS A 62 2.12 -1.65 -9.70
C LYS A 62 0.63 -1.61 -9.39
N THR A 63 -0.13 -2.64 -9.77
CA THR A 63 -1.59 -2.60 -9.54
C THR A 63 -1.94 -2.44 -8.08
N VAL A 64 -1.22 -3.15 -7.20
CA VAL A 64 -1.49 -3.03 -5.75
C VAL A 64 -1.15 -1.62 -5.27
N LEU A 65 0.01 -1.10 -5.68
CA LEU A 65 0.42 0.27 -5.30
C LEU A 65 -0.65 1.29 -5.76
N MET A 66 -1.14 1.14 -7.00
CA MET A 66 -2.16 2.06 -7.54
C MET A 66 -3.45 1.92 -6.74
N ALA A 67 -3.82 0.67 -6.38
CA ALA A 67 -5.08 0.46 -5.62
C ALA A 67 -5.05 1.16 -4.25
N CYS A 68 -3.84 1.35 -3.68
CA CYS A 68 -3.68 1.82 -2.30
C CYS A 68 -3.25 3.25 -2.13
N SER A 69 -2.84 3.91 -3.22
CA SER A 69 -2.17 5.22 -3.12
C SER A 69 -2.54 6.13 -4.26
N GLY A 70 -2.98 7.36 -3.94
CA GLY A 70 -3.29 8.36 -4.95
C GLY A 70 -2.06 8.74 -5.76
N LEU A 71 -0.87 8.74 -5.10
CA LEU A 71 0.36 9.07 -5.83
C LEU A 71 0.71 8.01 -6.87
N PHE A 72 0.69 6.73 -6.47
CA PHE A 72 1.00 5.64 -7.40
C PHE A 72 -0.06 5.53 -8.48
N TYR A 73 -1.34 5.79 -8.14
CA TYR A 73 -2.42 5.80 -9.13
C TYR A 73 -2.08 6.85 -10.21
N SER A 74 -1.69 8.05 -9.78
CA SER A 74 -1.34 9.14 -10.71
C SER A 74 -0.13 8.78 -11.57
N ILE A 75 0.91 8.21 -10.98
CA ILE A 75 2.13 7.84 -11.70
C ILE A 75 1.86 6.77 -12.75
N PHE A 76 1.19 5.69 -12.37
CA PHE A 76 1.04 4.57 -13.30
C PHE A 76 -0.11 4.74 -14.28
N THR A 77 -0.93 5.80 -14.17
CA THR A 77 -1.94 6.11 -15.19
C THR A 77 -1.35 7.17 -16.16
N ASP A 78 -0.14 7.65 -15.89
CA ASP A 78 0.52 8.60 -16.78
C ASP A 78 1.13 7.82 -17.93
N GLN A 79 0.84 8.23 -19.17
CA GLN A 79 1.30 7.56 -20.39
C GLN A 79 2.82 7.39 -20.45
N LEU A 80 3.58 8.38 -19.96
CA LEU A 80 5.01 8.27 -19.96
C LEU A 80 5.55 7.38 -18.85
N LYS A 81 5.02 7.53 -17.63
CA LYS A 81 5.53 6.84 -16.44
C LYS A 81 4.98 5.43 -16.19
N CYS A 82 3.84 5.08 -16.80
CA CYS A 82 3.20 3.75 -16.61
C CYS A 82 4.12 2.55 -16.86
N ASN A 83 5.09 2.65 -17.78
N ASN A 83 5.08 2.70 -17.81
CA ASN A 83 5.97 1.53 -18.10
CA ASN A 83 6.04 1.65 -18.23
C ASN A 83 7.29 1.47 -17.32
C ASN A 83 7.47 1.83 -17.63
N LEU A 84 7.58 2.49 -16.48
CA LEU A 84 8.83 2.61 -15.72
C LEU A 84 8.96 1.38 -14.80
N SER A 85 10.17 0.79 -14.70
CA SER A 85 10.43 -0.38 -13.85
C SER A 85 11.00 0.06 -12.50
N VAL A 86 11.45 1.32 -12.45
CA VAL A 86 12.07 1.89 -11.23
C VAL A 86 11.41 3.24 -10.94
N ILE A 87 10.99 3.44 -9.68
CA ILE A 87 10.41 4.70 -9.24
C ILE A 87 11.22 5.18 -8.05
N ASN A 88 11.77 6.41 -8.13
CA ASN A 88 12.50 6.97 -7.01
C ASN A 88 11.58 7.88 -6.21
N LEU A 89 11.47 7.65 -4.90
CA LEU A 89 10.65 8.57 -4.10
C LEU A 89 11.52 9.71 -3.61
N ASP A 90 10.87 10.77 -3.14
CA ASP A 90 11.52 11.92 -2.50
C ASP A 90 12.55 11.38 -1.45
N PRO A 91 13.84 11.79 -1.56
CA PRO A 91 14.85 11.29 -0.60
C PRO A 91 14.59 11.63 0.86
N GLU A 92 13.63 12.53 1.14
CA GLU A 92 13.29 12.85 2.51
C GLU A 92 12.35 11.79 3.11
N ILE A 93 11.80 10.88 2.29
CA ILE A 93 10.91 9.84 2.79
C ILE A 93 11.71 8.83 3.61
N ASN A 94 11.16 8.53 4.79
CA ASN A 94 11.72 7.58 5.73
C ASN A 94 11.46 6.14 5.18
N PRO A 95 12.53 5.36 4.90
CA PRO A 95 12.34 3.98 4.38
C PRO A 95 11.52 3.07 5.30
N GLU A 96 11.68 3.19 6.64
CA GLU A 96 10.87 2.37 7.57
C GLU A 96 9.38 2.73 7.42
N GLY A 97 9.07 4.02 7.35
CA GLY A 97 7.70 4.50 7.15
C GLY A 97 7.11 3.96 5.87
N PHE A 98 7.92 3.95 4.78
CA PHE A 98 7.47 3.37 3.52
C PHE A 98 7.23 1.86 3.69
N CYS A 99 8.16 1.16 4.34
CA CYS A 99 8.04 -0.29 4.55
C CYS A 99 6.73 -0.66 5.29
N ILE A 100 6.44 0.09 6.36
CA ILE A 100 5.23 -0.11 7.15
C ILE A 100 3.99 0.08 6.26
N LEU A 101 4.02 1.11 5.39
CA LEU A 101 2.87 1.36 4.50
C LEU A 101 2.74 0.32 3.41
N LEU A 102 3.87 -0.14 2.85
CA LEU A 102 3.81 -1.19 1.82
C LEU A 102 3.25 -2.48 2.42
N ASP A 103 3.67 -2.81 3.66
CA ASP A 103 3.13 -3.98 4.35
C ASP A 103 1.63 -3.83 4.57
N PHE A 104 1.20 -2.63 4.98
CA PHE A 104 -0.22 -2.35 5.16
C PHE A 104 -0.96 -2.55 3.84
N MET A 105 -0.41 -2.03 2.73
CA MET A 105 -1.11 -2.19 1.45
C MET A 105 -1.46 -3.65 1.18
N TYR A 106 -0.51 -4.53 1.42
CA TYR A 106 -0.67 -5.95 1.16
C TYR A 106 -1.33 -6.79 2.25
N THR A 107 -1.55 -6.22 3.42
CA THR A 107 -2.14 -6.98 4.52
C THR A 107 -3.37 -6.47 5.24
N SER A 108 -3.64 -5.16 5.14
CA SER A 108 -4.68 -4.37 5.84
C SER A 108 -4.28 -4.05 7.30
N ARG A 109 -3.04 -4.37 7.66
CA ARG A 109 -2.54 -4.18 9.00
C ARG A 109 -1.48 -3.10 9.02
N LEU A 110 -1.70 -2.15 9.90
CA LEU A 110 -0.83 -0.98 9.99
C LEU A 110 -0.11 -1.02 11.32
N ASN A 111 1.22 -1.24 11.27
CA ASN A 111 2.04 -1.33 12.48
C ASN A 111 2.40 0.09 13.00
N LEU A 112 1.41 0.78 13.52
CA LEU A 112 1.58 2.13 14.01
C LEU A 112 2.10 2.10 15.45
N ARG A 113 3.17 2.82 15.70
CA ARG A 113 3.80 2.90 17.01
C ARG A 113 4.17 4.34 17.30
N GLU A 114 4.46 4.65 18.55
CA GLU A 114 4.83 6.01 18.94
C GLU A 114 6.09 6.48 18.20
N GLY A 115 7.05 5.58 18.07
CA GLY A 115 8.30 5.82 17.38
C GLY A 115 8.24 5.98 15.88
N ASN A 116 7.16 5.53 15.24
CA ASN A 116 7.09 5.63 13.78
C ASN A 116 5.92 6.45 13.25
N ILE A 117 4.97 6.86 14.12
CA ILE A 117 3.74 7.51 13.67
C ILE A 117 3.99 8.78 12.83
N MET A 118 4.94 9.62 13.24
CA MET A 118 5.23 10.84 12.46
C MET A 118 5.74 10.51 11.06
N ALA A 119 6.69 9.54 10.95
CA ALA A 119 7.26 9.12 9.66
C ALA A 119 6.18 8.46 8.81
N VAL A 120 5.36 7.59 9.42
CA VAL A 120 4.26 6.94 8.69
C VAL A 120 3.28 7.98 8.16
N MET A 121 2.87 8.95 9.01
CA MET A 121 1.93 9.98 8.55
C MET A 121 2.50 10.82 7.41
N ALA A 122 3.75 11.27 7.53
CA ALA A 122 4.40 12.08 6.47
C ALA A 122 4.45 11.30 5.15
N THR A 123 4.82 10.00 5.23
CA THR A 123 4.89 9.12 4.05
C THR A 123 3.49 8.92 3.46
N ALA A 124 2.49 8.68 4.31
CA ALA A 124 1.10 8.48 3.84
C ALA A 124 0.54 9.75 3.18
N MET A 125 0.94 10.93 3.66
CA MET A 125 0.53 12.20 3.03
C MET A 125 1.12 12.33 1.61
N TYR A 126 2.43 12.06 1.50
CA TYR A 126 3.17 12.07 0.22
C TYR A 126 2.56 11.05 -0.76
N LEU A 127 2.24 9.85 -0.26
CA LEU A 127 1.64 8.79 -1.09
C LEU A 127 0.14 8.98 -1.35
N GLN A 128 -0.50 9.97 -0.70
CA GLN A 128 -1.95 10.22 -0.84
C GLN A 128 -2.74 8.97 -0.41
N MET A 129 -2.48 8.50 0.82
CA MET A 129 -3.17 7.33 1.40
C MET A 129 -4.07 7.94 2.48
N GLU A 130 -5.25 8.41 2.05
CA GLU A 130 -6.16 9.23 2.87
C GLU A 130 -6.57 8.61 4.19
N HIS A 131 -7.03 7.34 4.16
CA HIS A 131 -7.48 6.67 5.39
C HIS A 131 -6.36 6.52 6.38
N VAL A 132 -5.14 6.20 5.90
CA VAL A 132 -3.99 6.10 6.84
C VAL A 132 -3.67 7.48 7.43
N VAL A 133 -3.65 8.53 6.59
CA VAL A 133 -3.39 9.91 7.10
C VAL A 133 -4.38 10.24 8.21
N ASP A 134 -5.70 10.04 7.95
N ASP A 134 -5.70 10.03 7.94
CA ASP A 134 -6.75 10.34 8.91
CA ASP A 134 -6.80 10.31 8.86
C ASP A 134 -6.58 9.56 10.22
C ASP A 134 -6.63 9.56 10.18
N THR A 135 -6.24 8.27 10.11
CA THR A 135 -6.01 7.41 11.28
C THR A 135 -4.84 7.93 12.11
N CYS A 136 -3.71 8.27 11.44
CA CYS A 136 -2.55 8.86 12.13
C CYS A 136 -2.94 10.10 12.87
N ARG A 137 -3.71 10.99 12.21
CA ARG A 137 -4.18 12.25 12.82
C ARG A 137 -5.01 11.97 14.08
N LYS A 138 -5.88 10.94 14.03
CA LYS A 138 -6.71 10.58 15.19
C LYS A 138 -5.88 10.04 16.37
N PHE A 139 -4.87 9.20 16.10
CA PHE A 139 -4.00 8.64 17.14
C PHE A 139 -3.11 9.72 17.74
N ILE A 140 -2.65 10.68 16.93
CA ILE A 140 -1.84 11.80 17.43
C ILE A 140 -2.69 12.65 18.37
N LYS A 141 -3.94 12.97 17.96
CA LYS A 141 -4.87 13.79 18.74
C LYS A 141 -5.19 13.16 20.12
N ALA A 142 -5.22 11.81 20.19
CA ALA A 142 -5.46 11.04 21.40
C ALA A 142 -4.44 11.28 22.54
N SER A 143 -3.18 11.63 22.19
CA SER A 143 -2.09 11.90 23.13
C SER A 143 -2.10 13.36 23.65
N GLU A 144 -2.42 14.31 22.76
CA GLU A 144 -2.48 15.75 23.05
C GLU A 144 -3.67 16.09 23.94
CL NQW B . -6.31 1.90 -8.77
C21 NQW B . -7.65 2.99 -8.67
C22 NQW B . -8.68 2.96 -9.60
N5 NQW B . -9.63 3.89 -9.64
C6 NQW B . -9.53 4.87 -8.73
N NQW B . -10.43 5.85 -8.77
C2 NQW B . -10.46 7.02 -7.90
C3 NQW B . -11.42 5.95 -9.84
C4 NQW B . -11.03 7.11 -10.73
C5 NQW B . -12.13 7.49 -11.69
O NQW B . -10.77 8.26 -9.90
C1 NQW B . -9.82 8.03 -8.83
C NQW B . -9.57 9.35 -8.16
C7 NQW B . -7.65 4.06 -7.76
N1 NQW B . -8.59 5.00 -7.80
N2 NQW B . -6.79 4.11 -6.71
C8 NQW B . -6.48 5.17 -5.86
C13 NQW B . -6.62 6.52 -6.18
C12 NQW B . -6.59 7.48 -5.18
C11 NQW B . -6.47 7.08 -3.87
N3 NQW B . -6.47 7.78 -2.67
C14 NQW B . -6.52 9.22 -2.53
C15 NQW B . -6.39 6.91 -1.61
O1 NQW B . -6.35 7.19 -0.44
N4 NQW B . -6.36 5.65 -2.16
C10 NQW B . -6.37 5.73 -3.55
C9 NQW B . -6.34 4.77 -4.55
C16 NQW B . -6.51 4.42 -1.38
C17 NQW B . -7.99 4.11 -1.15
C18 NQW B . -8.27 2.94 -0.22
O2 NQW B . -7.50 3.14 0.98
C20 NQW B . -9.74 2.90 0.16
C19 NQW B . -7.85 1.62 -0.85
C1 EDO C . -26.94 -17.81 0.55
O1 EDO C . -26.83 -18.77 1.56
C2 EDO C . -28.11 -18.17 -0.40
O2 EDO C . -28.24 -17.14 -1.38
C1 EDO D . 17.25 -0.36 -8.72
O1 EDO D . 17.89 0.89 -8.87
C2 EDO D . 17.43 -1.20 -10.00
O2 EDO D . 16.79 -2.46 -9.86
C1 EDO E . -9.82 7.69 -1.48
O1 EDO E . -9.64 6.99 -2.72
C2 EDO E . -10.70 6.87 -0.53
O2 EDO E . -10.31 7.20 0.79
C1 EDO F . 14.96 10.11 5.28
O1 EDO F . 15.21 9.34 4.10
C2 EDO F . 14.60 9.17 6.46
O2 EDO F . 13.95 9.88 7.50
C1 EDO G . 3.91 11.34 18.57
O1 EDO G . 5.06 10.52 18.64
C2 EDO G . 2.71 10.57 19.16
O2 EDO G . 1.56 11.39 19.12
C1 EDO H . 3.99 -13.08 4.30
C1 EDO H . 4.33 -14.78 3.11
O1 EDO H . 5.00 -12.16 3.95
O1 EDO H . 3.42 -13.93 2.42
C2 EDO H . 3.12 -13.40 3.06
C2 EDO H . 4.21 -16.23 2.61
O2 EDO H . 1.94 -14.03 3.49
O2 EDO H . 4.72 -16.35 1.30
C1 EDO I . -12.23 -11.69 6.67
O1 EDO I . -12.25 -11.00 5.44
C2 EDO I . -10.77 -11.92 7.13
O2 EDO I . -10.21 -13.04 6.46
C1 EDO J . -11.13 5.29 -5.01
O1 EDO J . -9.72 5.27 -4.91
C2 EDO J . -11.65 4.60 -3.73
O2 EDO J . -10.58 3.79 -3.29
S DMS K . 12.95 -0.89 5.98
O DMS K . 14.27 -0.26 5.83
C1 DMS K . 13.17 -2.53 5.39
C2 DMS K . 12.79 -1.22 7.71
#